data_4G9E
#
_entry.id   4G9E
#
_cell.length_a   42.164
_cell.length_b   129.523
_cell.length_c   44.312
_cell.angle_alpha   90.00
_cell.angle_beta   111.00
_cell.angle_gamma   90.00
#
_symmetry.space_group_name_H-M   'P 1 21 1'
#
loop_
_entity.id
_entity.type
_entity.pdbx_description
1 polymer 'Alpha/beta hydrolase fold protein'
2 non-polymer N-butanoyl-L-homoserine
3 water water
#
_entity_poly.entity_id   1
_entity_poly.type   'polypeptide(L)'
_entity_poly.pdbx_seq_one_letter_code
;MTINYHELETSHGRIAVRESEGEGAPLLMIHGNSSSGAIFAPQLEGEIGKKWRVIAPDLPGHGKSTDAIDPDRSYSMEGY
ADAMTEVMQQLGIADAVVFGWSLGGHIGIEMIARYPEMRGLMITGTPPVAREEVGQGFKSGPDMALAGQEIFSERDVESY
ARSTCGEPFEASLLDIVARTDGRARRIMFEKFGSGTGGNQRDIVAEAQLPIAVVNGRDEPFVELDFVSKVKFGNLWEGKT
HVIDNAGHAPFREAPAEFDAYLARFIRDCTQLEHHHHHH
;
_entity_poly.pdbx_strand_id   A,B
#
loop_
_chem_comp.id
_chem_comp.type
_chem_comp.name
_chem_comp.formula
C4L non-polymer N-butanoyl-L-homoserine 'C8 H15 N O4'
#
# COMPACT_ATOMS: atom_id res chain seq x y z
N THR A 2 -30.96 6.33 -16.73
CA THR A 2 -30.98 5.38 -15.65
C THR A 2 -29.56 5.21 -15.07
N ILE A 3 -29.42 5.38 -13.77
CA ILE A 3 -28.17 5.06 -13.10
C ILE A 3 -28.34 3.68 -12.49
N ASN A 4 -27.39 2.80 -12.79
CA ASN A 4 -27.43 1.45 -12.26
C ASN A 4 -26.63 1.33 -10.99
N TYR A 5 -27.32 0.95 -9.92
CA TYR A 5 -26.73 0.78 -8.60
C TYR A 5 -26.56 -0.69 -8.31
N HIS A 6 -25.40 -1.07 -7.81
CA HIS A 6 -25.21 -2.44 -7.35
C HIS A 6 -24.10 -2.51 -6.32
N GLU A 7 -24.03 -3.62 -5.60
CA GLU A 7 -23.06 -3.76 -4.52
C GLU A 7 -22.11 -4.91 -4.79
N LEU A 8 -20.84 -4.71 -4.44
CA LEU A 8 -19.80 -5.71 -4.61
C LEU A 8 -19.33 -6.21 -3.26
N GLU A 9 -19.18 -7.52 -3.14
CA GLU A 9 -18.55 -8.10 -1.97
C GLU A 9 -17.05 -8.13 -2.21
N THR A 10 -16.32 -7.28 -1.50
CA THR A 10 -14.88 -7.19 -1.67
C THR A 10 -14.17 -7.57 -0.38
N SER A 11 -12.86 -7.69 -0.45
CA SER A 11 -12.07 -8.02 0.73
C SER A 11 -12.12 -6.93 1.78
N HIS A 12 -12.58 -5.73 1.38
CA HIS A 12 -12.68 -4.60 2.30
C HIS A 12 -14.04 -4.47 2.93
N GLY A 13 -15.02 -5.19 2.38
CA GLY A 13 -16.40 -5.02 2.77
C GLY A 13 -17.30 -4.92 1.54
N ARG A 14 -18.56 -4.59 1.77
CA ARG A 14 -19.50 -4.49 0.67
C ARG A 14 -19.48 -3.07 0.13
N ILE A 15 -19.09 -2.93 -1.12
CA ILE A 15 -18.92 -1.61 -1.71
CA ILE A 15 -18.89 -1.63 -1.75
C ILE A 15 -20.04 -1.28 -2.70
N ALA A 16 -20.67 -0.14 -2.46
CA ALA A 16 -21.74 0.34 -3.33
C ALA A 16 -21.13 0.98 -4.60
N VAL A 17 -21.73 0.69 -5.75
CA VAL A 17 -21.25 1.20 -7.03
C VAL A 17 -22.41 1.76 -7.85
N ARG A 18 -22.24 2.97 -8.35
CA ARG A 18 -23.20 3.58 -9.27
C ARG A 18 -22.55 3.65 -10.63
N GLU A 19 -23.29 3.30 -11.67
CA GLU A 19 -22.77 3.39 -13.02
C GLU A 19 -23.79 4.02 -13.94
N SER A 20 -23.32 4.92 -14.80
CA SER A 20 -24.16 5.42 -15.87
C SER A 20 -24.23 4.38 -17.00
N GLU A 21 -25.11 4.62 -17.97
CA GLU A 21 -25.27 3.70 -19.09
C GLU A 21 -24.51 4.14 -20.34
N GLY A 22 -23.58 5.07 -20.18
CA GLY A 22 -22.76 5.50 -21.30
C GLY A 22 -22.02 4.36 -21.95
N GLU A 23 -21.95 4.40 -23.27
CA GLU A 23 -21.29 3.36 -24.08
C GLU A 23 -19.80 3.60 -24.24
N GLY A 24 -19.35 4.80 -23.90
CA GLY A 24 -17.97 5.18 -24.15
C GLY A 24 -17.00 4.69 -23.10
N ALA A 25 -15.75 5.12 -23.25
CA ALA A 25 -14.68 4.77 -22.32
C ALA A 25 -15.08 5.00 -20.86
N PRO A 26 -14.58 4.15 -19.96
CA PRO A 26 -14.94 4.28 -18.55
C PRO A 26 -14.18 5.39 -17.81
N LEU A 27 -14.89 6.03 -16.87
CA LEU A 27 -14.34 7.03 -15.96
C LEU A 27 -14.69 6.60 -14.54
N LEU A 28 -13.67 6.35 -13.73
CA LEU A 28 -13.86 6.10 -12.31
C LEU A 28 -13.79 7.44 -11.60
N MET A 29 -14.84 7.80 -10.87
CA MET A 29 -14.86 9.02 -10.06
C MET A 29 -14.79 8.63 -8.59
N ILE A 30 -13.82 9.18 -7.88
CA ILE A 30 -13.57 8.83 -6.48
C ILE A 30 -13.85 10.04 -5.60
N HIS A 31 -14.82 9.89 -4.70
CA HIS A 31 -15.28 10.98 -3.85
C HIS A 31 -14.30 11.33 -2.73
N GLY A 32 -14.63 12.40 -2.01
CA GLY A 32 -13.78 12.93 -0.96
C GLY A 32 -14.10 12.46 0.44
N ASN A 33 -13.38 13.03 1.39
CA ASN A 33 -13.51 12.72 2.80
C ASN A 33 -14.96 12.91 3.28
N SER A 34 -15.55 11.84 3.80
CA SER A 34 -16.90 11.89 4.38
C SER A 34 -17.99 12.13 3.35
N SER A 35 -17.68 11.90 2.08
CA SER A 35 -18.65 12.08 1.02
C SER A 35 -19.14 10.73 0.51
N SER A 36 -19.60 10.71 -0.74
N SER A 36 -19.61 10.70 -0.73
CA SER A 36 -20.19 9.54 -1.36
CA SER A 36 -20.02 9.47 -1.36
C SER A 36 -20.12 9.74 -2.87
C SER A 36 -20.15 9.72 -2.86
N GLY A 37 -20.13 8.65 -3.63
CA GLY A 37 -20.23 8.74 -5.08
C GLY A 37 -21.50 9.44 -5.55
N ALA A 38 -22.52 9.49 -4.70
CA ALA A 38 -23.76 10.19 -5.01
C ALA A 38 -23.53 11.67 -5.28
N ILE A 39 -22.42 12.21 -4.77
CA ILE A 39 -22.07 13.62 -4.95
C ILE A 39 -21.83 13.96 -6.42
N PHE A 40 -21.56 12.93 -7.22
CA PHE A 40 -21.26 13.11 -8.64
C PHE A 40 -22.50 13.02 -9.53
N ALA A 41 -23.67 13.17 -8.94
CA ALA A 41 -24.92 13.23 -9.70
C ALA A 41 -24.84 14.07 -10.98
N PRO A 42 -24.21 15.27 -10.93
CA PRO A 42 -24.20 16.06 -12.17
C PRO A 42 -23.51 15.35 -13.33
N GLN A 43 -22.46 14.60 -13.04
CA GLN A 43 -21.73 13.86 -14.06
C GLN A 43 -22.44 12.55 -14.39
N LEU A 44 -22.87 11.81 -13.37
CA LEU A 44 -23.59 10.56 -13.60
C LEU A 44 -24.80 10.74 -14.50
N GLU A 45 -25.58 11.78 -14.23
CA GLU A 45 -26.87 11.98 -14.87
C GLU A 45 -26.85 12.95 -16.04
N GLY A 46 -25.73 13.64 -16.23
CA GLY A 46 -25.60 14.64 -17.27
C GLY A 46 -24.86 14.15 -18.50
N GLU A 47 -24.33 15.11 -19.25
CA GLU A 47 -23.73 14.81 -20.54
C GLU A 47 -22.52 13.85 -20.41
N ILE A 48 -21.77 13.99 -19.31
CA ILE A 48 -20.61 13.13 -19.12
C ILE A 48 -21.06 11.67 -19.04
N GLY A 49 -22.01 11.38 -18.16
CA GLY A 49 -22.51 10.04 -17.95
C GLY A 49 -23.33 9.48 -19.09
N LYS A 50 -23.92 10.36 -19.90
CA LYS A 50 -24.64 9.89 -21.08
C LYS A 50 -23.70 9.36 -22.15
N LYS A 51 -22.49 9.92 -22.23
N LYS A 51 -22.50 9.91 -22.22
CA LYS A 51 -21.55 9.45 -23.24
CA LYS A 51 -21.53 9.52 -23.24
C LYS A 51 -20.63 8.36 -22.71
C LYS A 51 -20.53 8.46 -22.79
N TRP A 52 -20.03 8.61 -21.56
CA TRP A 52 -19.00 7.76 -21.02
C TRP A 52 -19.56 6.92 -19.89
N ARG A 53 -18.93 5.77 -19.65
CA ARG A 53 -19.35 4.90 -18.56
C ARG A 53 -18.78 5.43 -17.25
N VAL A 54 -19.58 6.22 -16.55
CA VAL A 54 -19.15 6.81 -15.29
C VAL A 54 -19.42 5.85 -14.15
N ILE A 55 -18.38 5.58 -13.36
CA ILE A 55 -18.43 4.64 -12.24
C ILE A 55 -18.10 5.41 -10.98
N ALA A 56 -19.05 5.47 -10.04
CA ALA A 56 -18.91 6.28 -8.83
C ALA A 56 -19.21 5.45 -7.60
N PRO A 57 -18.18 4.78 -7.06
CA PRO A 57 -18.39 3.92 -5.88
C PRO A 57 -18.40 4.74 -4.59
N ASP A 58 -18.74 4.06 -3.50
CA ASP A 58 -18.57 4.61 -2.18
C ASP A 58 -17.39 3.91 -1.50
N LEU A 59 -16.45 4.69 -1.00
CA LEU A 59 -15.35 4.11 -0.24
C LEU A 59 -15.87 3.34 0.97
N PRO A 60 -15.12 2.32 1.41
CA PRO A 60 -15.44 1.70 2.70
C PRO A 60 -15.65 2.78 3.76
N GLY A 61 -16.63 2.58 4.62
CA GLY A 61 -16.93 3.54 5.68
C GLY A 61 -17.72 4.76 5.24
N HIS A 62 -18.08 4.83 3.96
CA HIS A 62 -18.73 6.00 3.39
C HIS A 62 -19.99 5.62 2.63
N GLY A 63 -20.92 6.56 2.52
CA GLY A 63 -22.10 6.38 1.71
C GLY A 63 -22.85 5.09 2.01
N LYS A 64 -23.19 4.37 0.98
CA LYS A 64 -23.94 3.14 1.06
C LYS A 64 -23.04 1.89 1.18
N SER A 65 -21.74 2.08 1.22
CA SER A 65 -20.83 0.96 1.49
C SER A 65 -20.86 0.63 2.96
N THR A 66 -20.47 -0.59 3.31
CA THR A 66 -20.33 -0.94 4.72
C THR A 66 -19.06 -0.31 5.27
N ASP A 67 -18.99 -0.24 6.60
CA ASP A 67 -17.72 0.07 7.22
C ASP A 67 -16.71 -0.99 6.79
N ALA A 68 -15.43 -0.66 6.87
CA ALA A 68 -14.39 -1.60 6.50
C ALA A 68 -14.40 -2.83 7.40
N ILE A 69 -14.17 -4.00 6.80
CA ILE A 69 -13.95 -5.22 7.57
C ILE A 69 -12.78 -5.00 8.52
N ASP A 70 -11.74 -4.34 8.03
CA ASP A 70 -10.52 -4.09 8.80
C ASP A 70 -10.10 -2.63 8.61
N PRO A 71 -10.54 -1.75 9.52
CA PRO A 71 -10.19 -0.34 9.44
C PRO A 71 -8.68 -0.09 9.32
N ASP A 72 -7.88 -0.95 9.95
CA ASP A 72 -6.43 -0.78 9.96
C ASP A 72 -5.82 -1.01 8.57
N ARG A 73 -6.51 -1.79 7.74
CA ARG A 73 -6.06 -2.02 6.37
C ARG A 73 -6.65 -0.99 5.41
N SER A 74 -7.92 -0.67 5.60
CA SER A 74 -8.68 0.04 4.57
C SER A 74 -8.63 1.56 4.62
N TYR A 75 -8.62 2.12 5.83
CA TYR A 75 -8.82 3.55 5.98
C TYR A 75 -7.49 4.32 5.88
N SER A 76 -6.99 4.41 4.66
CA SER A 76 -5.78 5.17 4.37
C SER A 76 -5.79 5.44 2.88
N MET A 77 -5.03 6.42 2.45
CA MET A 77 -5.00 6.71 1.02
C MET A 77 -4.61 5.48 0.20
N GLU A 78 -3.60 4.75 0.67
CA GLU A 78 -3.15 3.55 -0.03
C GLU A 78 -4.15 2.39 0.12
N GLY A 79 -4.79 2.27 1.28
CA GLY A 79 -5.80 1.24 1.47
C GLY A 79 -7.02 1.45 0.59
N TYR A 80 -7.47 2.70 0.49
CA TYR A 80 -8.56 3.02 -0.41
C TYR A 80 -8.16 2.76 -1.87
N ALA A 81 -6.91 3.04 -2.21
CA ALA A 81 -6.43 2.75 -3.56
C ALA A 81 -6.47 1.26 -3.82
N ASP A 82 -6.08 0.44 -2.85
N ASP A 82 -6.12 0.48 -2.81
CA ASP A 82 -6.20 -1.00 -2.97
CA ASP A 82 -6.18 -0.97 -2.89
C ASP A 82 -7.66 -1.38 -3.20
C ASP A 82 -7.61 -1.45 -3.10
N ALA A 83 -8.55 -0.81 -2.39
CA ALA A 83 -9.97 -1.14 -2.51
C ALA A 83 -10.52 -0.79 -3.90
N MET A 84 -10.19 0.40 -4.38
CA MET A 84 -10.70 0.80 -5.69
C MET A 84 -10.11 -0.05 -6.81
N THR A 85 -8.85 -0.46 -6.64
CA THR A 85 -8.23 -1.33 -7.64
C THR A 85 -8.96 -2.67 -7.66
N GLU A 86 -9.31 -3.19 -6.48
CA GLU A 86 -10.07 -4.43 -6.38
C GLU A 86 -11.47 -4.29 -7.00
N VAL A 87 -12.11 -3.15 -6.76
CA VAL A 87 -13.40 -2.87 -7.39
C VAL A 87 -13.28 -2.93 -8.91
N MET A 88 -12.27 -2.25 -9.45
CA MET A 88 -12.11 -2.23 -10.91
C MET A 88 -11.79 -3.63 -11.46
N GLN A 89 -11.02 -4.42 -10.68
CA GLN A 89 -10.76 -5.82 -11.03
C GLN A 89 -12.09 -6.58 -11.13
N GLN A 90 -12.94 -6.46 -10.13
CA GLN A 90 -14.22 -7.16 -10.13
C GLN A 90 -15.11 -6.69 -11.28
N LEU A 91 -15.06 -5.40 -11.58
CA LEU A 91 -15.83 -4.85 -12.68
C LEU A 91 -15.23 -5.18 -14.03
N GLY A 92 -14.00 -5.70 -14.03
CA GLY A 92 -13.35 -6.11 -15.26
C GLY A 92 -12.87 -4.98 -16.15
N ILE A 93 -12.50 -3.85 -15.55
CA ILE A 93 -12.11 -2.65 -16.29
C ILE A 93 -10.72 -2.19 -15.86
N ALA A 94 -9.74 -2.31 -16.76
CA ALA A 94 -8.35 -2.02 -16.40
C ALA A 94 -7.86 -0.65 -16.88
N ASP A 95 -8.61 0.00 -17.78
CA ASP A 95 -8.10 1.19 -18.46
C ASP A 95 -8.97 2.43 -18.27
N ALA A 96 -9.60 2.55 -17.11
CA ALA A 96 -10.38 3.74 -16.84
C ALA A 96 -9.49 4.98 -16.80
N VAL A 97 -10.10 6.10 -17.18
CA VAL A 97 -9.63 7.40 -16.73
C VAL A 97 -10.12 7.56 -15.30
N VAL A 98 -9.30 8.15 -14.43
CA VAL A 98 -9.69 8.35 -13.03
C VAL A 98 -9.82 9.82 -12.73
N PHE A 99 -10.94 10.20 -12.12
CA PHE A 99 -11.12 11.52 -11.55
C PHE A 99 -11.18 11.35 -10.04
N GLY A 100 -10.31 12.05 -9.32
CA GLY A 100 -10.33 11.99 -7.87
C GLY A 100 -10.58 13.35 -7.26
N TRP A 101 -11.59 13.40 -6.40
CA TRP A 101 -11.96 14.63 -5.70
C TRP A 101 -11.37 14.61 -4.29
N SER A 102 -10.36 15.47 -4.07
CA SER A 102 -9.82 15.76 -2.76
C SER A 102 -9.17 14.50 -2.18
N LEU A 103 -9.68 13.92 -1.09
CA LEU A 103 -9.19 12.62 -0.66
C LEU A 103 -9.14 11.66 -1.86
N GLY A 104 -10.17 11.70 -2.71
CA GLY A 104 -10.19 10.86 -3.88
C GLY A 104 -9.04 11.08 -4.85
N GLY A 105 -8.57 12.32 -4.95
CA GLY A 105 -7.39 12.63 -5.74
C GLY A 105 -6.13 12.02 -5.16
N HIS A 106 -5.98 12.08 -3.84
CA HIS A 106 -4.85 11.42 -3.18
C HIS A 106 -4.91 9.91 -3.42
N ILE A 107 -6.10 9.33 -3.33
CA ILE A 107 -6.31 7.93 -3.64
C ILE A 107 -5.91 7.62 -5.08
N GLY A 108 -6.34 8.47 -6.01
CA GLY A 108 -5.97 8.31 -7.41
C GLY A 108 -4.46 8.30 -7.63
N ILE A 109 -3.76 9.17 -6.91
CA ILE A 109 -2.30 9.20 -7.00
C ILE A 109 -1.71 7.85 -6.52
N GLU A 110 -2.23 7.33 -5.42
CA GLU A 110 -1.84 6.01 -4.92
CA GLU A 110 -1.78 6.02 -4.94
C GLU A 110 -2.20 4.89 -5.88
N MET A 111 -3.22 5.11 -6.71
CA MET A 111 -3.61 4.10 -7.69
C MET A 111 -2.68 4.01 -8.88
N ILE A 112 -1.87 5.03 -9.12
CA ILE A 112 -1.00 5.02 -10.29
C ILE A 112 -0.14 3.75 -10.31
N ALA A 113 0.42 3.37 -9.17
CA ALA A 113 1.28 2.19 -9.11
C ALA A 113 0.50 0.88 -9.17
N ARG A 114 -0.77 0.92 -8.78
CA ARG A 114 -1.59 -0.27 -8.63
C ARG A 114 -2.46 -0.59 -9.83
N TYR A 115 -2.66 0.40 -10.69
CA TYR A 115 -3.64 0.36 -11.77
C TYR A 115 -2.94 0.86 -13.02
N PRO A 116 -2.06 0.02 -13.58
CA PRO A 116 -1.05 0.44 -14.55
C PRO A 116 -1.60 0.88 -15.90
N GLU A 117 -2.80 0.46 -16.24
CA GLU A 117 -3.38 0.85 -17.55
C GLU A 117 -4.30 2.07 -17.45
N MET A 118 -4.27 2.75 -16.30
CA MET A 118 -5.00 4.00 -16.13
C MET A 118 -4.68 4.92 -17.32
N ARG A 119 -5.72 5.47 -17.93
CA ARG A 119 -5.46 6.28 -19.13
C ARG A 119 -5.19 7.74 -18.83
N GLY A 120 -5.52 8.17 -17.63
CA GLY A 120 -5.24 9.52 -17.18
C GLY A 120 -5.80 9.69 -15.79
N LEU A 121 -5.31 10.70 -15.07
CA LEU A 121 -5.80 11.02 -13.74
C LEU A 121 -6.08 12.51 -13.67
N MET A 122 -7.30 12.89 -13.30
CA MET A 122 -7.62 14.28 -13.00
C MET A 122 -7.83 14.42 -11.51
N ILE A 123 -7.19 15.41 -10.91
CA ILE A 123 -7.32 15.67 -9.48
C ILE A 123 -7.84 17.08 -9.21
N THR A 124 -8.84 17.14 -8.35
CA THR A 124 -9.53 18.37 -8.00
C THR A 124 -9.63 18.43 -6.48
N GLY A 125 -9.18 19.52 -5.90
CA GLY A 125 -9.18 19.64 -4.46
C GLY A 125 -8.05 18.90 -3.78
N THR A 126 -6.99 18.63 -4.53
CA THR A 126 -5.89 17.75 -4.11
C THR A 126 -4.54 18.38 -4.41
N PRO A 127 -3.79 18.75 -3.35
CA PRO A 127 -2.39 19.14 -3.57
C PRO A 127 -1.49 17.92 -3.37
N PRO A 128 -0.77 17.49 -4.41
CA PRO A 128 0.18 16.40 -4.19
C PRO A 128 1.26 16.90 -3.24
N VAL A 129 1.38 16.25 -2.09
CA VAL A 129 2.32 16.68 -1.06
C VAL A 129 3.05 15.49 -0.48
N ALA A 130 4.33 15.68 -0.19
CA ALA A 130 5.05 14.76 0.67
C ALA A 130 4.54 15.02 2.09
N ARG A 131 4.77 14.07 2.99
CA ARG A 131 4.20 14.21 4.32
C ARG A 131 4.60 15.52 5.00
N GLU A 132 5.83 15.99 4.77
CA GLU A 132 6.30 17.20 5.43
C GLU A 132 5.72 18.49 4.83
N GLU A 133 4.98 18.35 3.73
CA GLU A 133 4.45 19.50 3.00
C GLU A 133 2.97 19.72 3.23
N VAL A 134 2.37 18.96 4.14
CA VAL A 134 0.93 19.07 4.35
C VAL A 134 0.52 20.50 4.72
N GLY A 135 1.29 21.15 5.59
CA GLY A 135 1.01 22.51 5.98
C GLY A 135 1.13 23.50 4.84
N GLN A 136 2.01 23.22 3.88
CA GLN A 136 2.19 24.08 2.72
C GLN A 136 1.09 23.92 1.68
N GLY A 137 0.60 22.70 1.49
CA GLY A 137 -0.34 22.43 0.42
C GLY A 137 -1.78 22.75 0.78
N PHE A 138 -2.08 22.75 2.07
CA PHE A 138 -3.42 22.99 2.58
C PHE A 138 -3.47 24.29 3.35
N LYS A 139 -4.63 24.92 3.31
CA LYS A 139 -4.91 26.11 4.11
C LYS A 139 -5.34 25.69 5.50
N SER A 140 -4.63 26.19 6.51
N SER A 140 -4.65 26.20 6.52
CA SER A 140 -5.02 25.97 7.89
CA SER A 140 -5.04 25.92 7.89
C SER A 140 -6.38 26.60 8.16
C SER A 140 -6.36 26.60 8.21
N GLY A 141 -7.24 25.89 8.87
CA GLY A 141 -8.55 26.41 9.23
C GLY A 141 -9.38 25.40 9.99
N PRO A 142 -10.55 25.83 10.49
CA PRO A 142 -11.39 25.01 11.35
C PRO A 142 -12.02 23.81 10.64
N ASP A 143 -12.32 23.95 9.35
CA ASP A 143 -12.90 22.83 8.64
C ASP A 143 -11.81 21.86 8.18
N MET A 144 -10.66 22.40 7.79
CA MET A 144 -9.51 21.58 7.46
C MET A 144 -9.14 20.70 8.65
N ALA A 145 -9.29 21.26 9.86
CA ALA A 145 -8.97 20.54 11.08
C ALA A 145 -9.88 19.33 11.28
N LEU A 146 -11.09 19.39 10.75
CA LEU A 146 -12.07 18.32 10.90
C LEU A 146 -11.75 17.08 10.05
N ALA A 147 -10.92 17.25 9.03
CA ALA A 147 -10.60 16.15 8.10
C ALA A 147 -10.10 14.89 8.82
N GLY A 148 -9.40 15.08 9.94
CA GLY A 148 -8.85 13.98 10.69
C GLY A 148 -9.48 13.77 12.06
N GLN A 149 -10.65 14.38 12.27
CA GLN A 149 -11.33 14.29 13.56
C GLN A 149 -12.38 13.20 13.55
N GLU A 150 -12.27 12.24 14.47
CA GLU A 150 -13.18 11.10 14.47
C GLU A 150 -14.62 11.49 14.82
N ILE A 151 -14.80 12.22 15.90
CA ILE A 151 -16.13 12.55 16.38
C ILE A 151 -16.58 13.94 15.90
N PHE A 152 -17.67 13.97 15.14
CA PHE A 152 -18.27 15.21 14.67
C PHE A 152 -19.48 15.54 15.52
N SER A 153 -19.56 16.79 16.00
CA SER A 153 -20.79 17.32 16.56
C SER A 153 -21.73 17.64 15.41
N GLU A 154 -22.96 18.02 15.74
CA GLU A 154 -23.93 18.42 14.73
C GLU A 154 -23.41 19.60 13.92
N ARG A 155 -22.79 20.55 14.60
CA ARG A 155 -22.22 21.71 13.93
C ARG A 155 -21.01 21.33 13.08
N ASP A 156 -20.26 20.33 13.51
CA ASP A 156 -19.13 19.82 12.73
C ASP A 156 -19.63 19.24 11.40
N VAL A 157 -20.68 18.42 11.47
CA VAL A 157 -21.25 17.82 10.26
C VAL A 157 -21.66 18.90 9.28
N GLU A 158 -22.38 19.90 9.77
CA GLU A 158 -22.84 20.97 8.89
C GLU A 158 -21.69 21.80 8.35
N SER A 159 -20.75 22.18 9.22
CA SER A 159 -19.64 23.00 8.77
CA SER A 159 -19.62 22.99 8.79
C SER A 159 -18.79 22.28 7.74
N TYR A 160 -18.50 21.01 8.00
CA TYR A 160 -17.69 20.23 7.07
C TYR A 160 -18.42 20.02 5.74
N ALA A 161 -19.70 19.66 5.82
CA ALA A 161 -20.48 19.45 4.61
C ALA A 161 -20.57 20.71 3.76
N ARG A 162 -20.83 21.84 4.41
CA ARG A 162 -20.96 23.09 3.68
C ARG A 162 -19.64 23.51 3.03
N SER A 163 -18.54 23.37 3.76
N SER A 163 -18.55 23.38 3.77
CA SER A 163 -17.25 23.81 3.23
CA SER A 163 -17.24 23.78 3.26
C SER A 163 -16.71 22.89 2.14
C SER A 163 -16.78 22.89 2.12
N THR A 164 -16.89 21.58 2.30
CA THR A 164 -16.42 20.65 1.28
C THR A 164 -17.26 20.68 0.00
N CYS A 165 -18.58 20.85 0.15
CA CYS A 165 -19.47 20.70 -1.00
C CYS A 165 -19.82 22.01 -1.70
N GLY A 166 -19.73 23.11 -0.97
CA GLY A 166 -20.01 24.41 -1.54
C GLY A 166 -21.46 24.60 -1.95
N GLU A 167 -21.71 25.65 -2.71
CA GLU A 167 -23.05 25.98 -3.18
C GLU A 167 -23.43 25.15 -4.39
N PRO A 168 -24.65 24.61 -4.44
CA PRO A 168 -25.74 24.77 -3.48
C PRO A 168 -25.72 23.71 -2.40
N PHE A 169 -26.12 24.07 -1.20
CA PHE A 169 -26.20 23.10 -0.13
CA PHE A 169 -26.20 23.12 -0.10
C PHE A 169 -27.58 22.46 -0.06
N GLU A 170 -27.62 21.21 0.35
CA GLU A 170 -28.90 20.67 0.71
C GLU A 170 -28.78 19.61 1.79
N ALA A 171 -29.92 19.24 2.37
CA ALA A 171 -29.95 18.41 3.55
C ALA A 171 -29.35 17.03 3.35
N SER A 172 -29.48 16.47 2.15
CA SER A 172 -28.96 15.14 1.88
C SER A 172 -27.45 15.06 2.12
N LEU A 173 -26.78 16.20 1.98
CA LEU A 173 -25.33 16.25 2.21
C LEU A 173 -24.98 16.02 3.68
N LEU A 174 -25.83 16.50 4.58
CA LEU A 174 -25.64 16.23 6.01
C LEU A 174 -25.73 14.75 6.28
N ASP A 175 -26.66 14.07 5.60
CA ASP A 175 -26.84 12.64 5.79
C ASP A 175 -25.59 11.87 5.37
N ILE A 176 -25.02 12.26 4.23
CA ILE A 176 -23.82 11.62 3.74
C ILE A 176 -22.67 11.76 4.74
N VAL A 177 -22.42 13.00 5.18
CA VAL A 177 -21.30 13.25 6.09
C VAL A 177 -21.51 12.64 7.47
N ALA A 178 -22.74 12.67 7.95
CA ALA A 178 -23.07 12.10 9.26
C ALA A 178 -22.87 10.59 9.28
N ARG A 179 -23.09 9.93 8.16
CA ARG A 179 -22.94 8.47 8.10
C ARG A 179 -21.50 8.02 8.27
N THR A 180 -20.57 8.79 7.74
CA THR A 180 -19.17 8.35 7.64
C THR A 180 -18.65 7.77 8.95
N ASP A 181 -18.02 6.61 8.86
CA ASP A 181 -17.31 6.00 9.97
C ASP A 181 -16.18 6.95 10.38
N GLY A 182 -16.32 7.60 11.54
CA GLY A 182 -15.34 8.59 11.94
C GLY A 182 -13.93 8.05 12.14
N ARG A 183 -13.82 6.75 12.43
CA ARG A 183 -12.51 6.12 12.51
C ARG A 183 -11.74 6.32 11.21
N ALA A 184 -12.45 6.35 10.09
CA ALA A 184 -11.82 6.52 8.79
C ALA A 184 -11.14 7.88 8.68
N ARG A 185 -11.77 8.92 9.23
CA ARG A 185 -11.15 10.24 9.22
C ARG A 185 -9.86 10.22 10.04
N ARG A 186 -9.95 9.72 11.27
CA ARG A 186 -8.81 9.77 12.18
C ARG A 186 -7.63 8.97 11.63
N ILE A 187 -7.90 7.73 11.22
CA ILE A 187 -6.82 6.84 10.80
C ILE A 187 -6.20 7.32 9.49
N MET A 188 -7.02 7.69 8.52
CA MET A 188 -6.49 8.15 7.25
C MET A 188 -5.59 9.37 7.44
N PHE A 189 -6.03 10.32 8.26
CA PHE A 189 -5.26 11.56 8.36
C PHE A 189 -3.94 11.35 9.08
N GLU A 190 -3.97 10.53 10.11
CA GLU A 190 -2.74 10.18 10.82
C GLU A 190 -1.74 9.48 9.90
N LYS A 191 -2.23 8.54 9.09
CA LYS A 191 -1.35 7.79 8.20
C LYS A 191 -0.79 8.68 7.07
N PHE A 192 -1.60 9.62 6.61
CA PHE A 192 -1.20 10.60 5.60
C PHE A 192 -0.03 11.43 6.13
N GLY A 193 -0.20 11.99 7.32
CA GLY A 193 0.84 12.80 7.94
C GLY A 193 2.09 12.01 8.26
N SER A 194 1.95 10.70 8.43
CA SER A 194 3.08 9.82 8.73
CA SER A 194 3.11 9.85 8.72
C SER A 194 3.75 9.26 7.47
N GLY A 195 3.16 9.47 6.30
CA GLY A 195 3.76 8.97 5.08
C GLY A 195 3.78 7.45 4.97
N THR A 196 2.71 6.80 5.39
CA THR A 196 2.65 5.34 5.33
C THR A 196 2.51 4.82 3.89
N GLY A 197 2.05 5.67 2.98
CA GLY A 197 1.96 5.33 1.58
C GLY A 197 3.05 5.99 0.76
N GLY A 198 2.97 5.84 -0.56
CA GLY A 198 3.98 6.39 -1.44
C GLY A 198 4.00 7.91 -1.40
N ASN A 199 5.19 8.49 -1.43
CA ASN A 199 5.38 9.93 -1.43
C ASN A 199 4.73 10.53 -2.67
N GLN A 200 3.67 11.31 -2.47
CA GLN A 200 2.84 11.76 -3.57
C GLN A 200 3.51 12.82 -4.44
N ARG A 201 4.38 13.62 -3.84
CA ARG A 201 5.15 14.58 -4.60
C ARG A 201 6.01 13.85 -5.63
N ASP A 202 6.71 12.83 -5.19
CA ASP A 202 7.58 12.08 -6.10
C ASP A 202 6.76 11.30 -7.12
N ILE A 203 5.65 10.71 -6.70
CA ILE A 203 4.84 9.95 -7.62
C ILE A 203 4.36 10.80 -8.79
N VAL A 204 3.82 11.99 -8.52
CA VAL A 204 3.29 12.77 -9.62
C VAL A 204 4.40 13.37 -10.50
N ALA A 205 5.57 13.63 -9.91
CA ALA A 205 6.70 14.14 -10.65
C ALA A 205 7.20 13.13 -11.67
N GLU A 206 7.12 11.85 -11.31
CA GLU A 206 7.73 10.78 -12.09
C GLU A 206 6.72 10.03 -12.97
N ALA A 207 5.43 10.26 -12.72
CA ALA A 207 4.38 9.57 -13.47
C ALA A 207 4.34 10.02 -14.93
N GLN A 208 4.22 9.05 -15.82
CA GLN A 208 4.21 9.37 -17.27
C GLN A 208 2.80 9.62 -17.83
N LEU A 209 1.78 9.09 -17.15
CA LEU A 209 0.41 9.26 -17.66
C LEU A 209 -0.01 10.72 -17.53
N PRO A 210 -0.98 11.14 -18.36
CA PRO A 210 -1.47 12.51 -18.23
C PRO A 210 -2.12 12.72 -16.87
N ILE A 211 -1.71 13.80 -16.20
CA ILE A 211 -2.38 14.22 -14.98
C ILE A 211 -2.95 15.62 -15.20
N ALA A 212 -4.26 15.73 -15.00
CA ALA A 212 -4.94 17.02 -15.11
C ALA A 212 -5.24 17.54 -13.72
N VAL A 213 -5.14 18.86 -13.58
CA VAL A 213 -5.35 19.51 -12.30
C VAL A 213 -6.37 20.62 -12.53
N VAL A 214 -7.51 20.53 -11.85
CA VAL A 214 -8.60 21.50 -12.02
C VAL A 214 -9.15 21.85 -10.64
N ASN A 215 -9.17 23.14 -10.31
CA ASN A 215 -9.63 23.59 -9.00
C ASN A 215 -10.51 24.81 -9.10
N GLY A 216 -11.36 25.00 -8.10
CA GLY A 216 -12.09 26.25 -7.95
C GLY A 216 -11.19 27.35 -7.41
N ARG A 217 -11.34 28.56 -7.94
CA ARG A 217 -10.51 29.70 -7.55
C ARG A 217 -10.64 30.01 -6.06
N ASP A 218 -11.83 29.77 -5.51
CA ASP A 218 -12.11 30.11 -4.12
C ASP A 218 -11.93 28.89 -3.21
N GLU A 219 -11.08 27.96 -3.63
CA GLU A 219 -10.71 26.81 -2.81
C GLU A 219 -10.45 27.19 -1.37
N PRO A 220 -11.24 26.65 -0.42
CA PRO A 220 -11.01 26.95 1.00
C PRO A 220 -9.99 26.02 1.67
N PHE A 221 -9.65 24.92 1.02
CA PHE A 221 -8.76 23.92 1.63
C PHE A 221 -7.39 23.86 0.98
N VAL A 222 -7.32 24.11 -0.32
CA VAL A 222 -6.11 23.89 -1.08
C VAL A 222 -5.41 25.20 -1.44
N GLU A 223 -4.10 25.24 -1.24
CA GLU A 223 -3.30 26.38 -1.65
C GLU A 223 -3.02 26.33 -3.15
N LEU A 224 -3.73 27.13 -3.93
CA LEU A 224 -3.57 27.08 -5.38
C LEU A 224 -2.18 27.50 -5.82
N ASP A 225 -1.54 28.41 -5.07
CA ASP A 225 -0.17 28.81 -5.36
CA ASP A 225 -0.19 28.81 -5.40
C ASP A 225 0.78 27.62 -5.27
N PHE A 226 0.57 26.79 -4.25
CA PHE A 226 1.39 25.62 -4.06
C PHE A 226 1.17 24.64 -5.21
N VAL A 227 -0.10 24.40 -5.52
CA VAL A 227 -0.45 23.47 -6.58
C VAL A 227 0.16 23.88 -7.92
N SER A 228 0.18 25.18 -8.19
CA SER A 228 0.71 25.68 -9.46
C SER A 228 2.23 25.53 -9.55
N LYS A 229 2.86 25.13 -8.45
CA LYS A 229 4.31 24.96 -8.43
C LYS A 229 4.73 23.50 -8.35
N VAL A 230 3.77 22.61 -8.20
CA VAL A 230 4.07 21.18 -8.13
C VAL A 230 4.58 20.66 -9.48
N LYS A 231 5.62 19.85 -9.45
CA LYS A 231 6.16 19.24 -10.66
CA LYS A 231 6.17 19.24 -10.65
C LYS A 231 5.39 17.99 -11.02
N PHE A 232 4.86 17.95 -12.25
CA PHE A 232 4.18 16.78 -12.76
C PHE A 232 4.96 16.23 -13.96
N GLY A 233 5.02 14.91 -14.08
CA GLY A 233 5.69 14.30 -15.21
C GLY A 233 5.06 14.67 -16.55
N ASN A 234 3.73 14.76 -16.57
CA ASN A 234 2.98 14.99 -17.80
C ASN A 234 1.70 15.74 -17.47
N LEU A 235 1.84 17.04 -17.24
CA LEU A 235 0.73 17.88 -16.83
C LEU A 235 -0.16 18.21 -18.04
N TRP A 236 -1.41 17.80 -17.97
CA TRP A 236 -2.34 17.97 -19.08
C TRP A 236 -2.53 19.45 -19.42
N GLU A 237 -2.29 19.77 -20.69
CA GLU A 237 -2.37 21.14 -21.21
C GLU A 237 -1.34 22.09 -20.59
N GLY A 238 -0.36 21.51 -19.88
CA GLY A 238 0.82 22.24 -19.45
C GLY A 238 0.62 23.23 -18.34
N LYS A 239 -0.55 23.23 -17.73
CA LYS A 239 -0.82 24.13 -16.62
C LYS A 239 -1.88 23.54 -15.69
N THR A 240 -1.95 24.09 -14.46
CA THR A 240 -3.06 23.80 -13.58
C THR A 240 -4.20 24.76 -13.94
N HIS A 241 -5.43 24.26 -13.86
CA HIS A 241 -6.58 25.03 -14.30
CA HIS A 241 -6.61 24.99 -14.31
C HIS A 241 -7.41 25.50 -13.11
N VAL A 242 -7.97 26.69 -13.25
CA VAL A 242 -8.72 27.32 -12.16
C VAL A 242 -10.05 27.83 -12.70
N ILE A 243 -11.13 27.47 -12.00
CA ILE A 243 -12.48 27.86 -12.36
C ILE A 243 -12.99 28.94 -11.42
N ASP A 244 -13.38 30.08 -11.98
CA ASP A 244 -13.92 31.17 -11.17
C ASP A 244 -15.26 30.77 -10.55
N ASN A 245 -15.60 31.38 -9.42
CA ASN A 245 -16.92 31.19 -8.82
C ASN A 245 -17.17 29.75 -8.43
N ALA A 246 -16.11 29.10 -7.97
CA ALA A 246 -16.22 27.75 -7.44
C ALA A 246 -15.18 27.59 -6.35
N GLY A 247 -15.45 26.67 -5.42
CA GLY A 247 -14.53 26.39 -4.35
C GLY A 247 -13.98 24.97 -4.43
N HIS A 248 -14.30 24.17 -3.42
CA HIS A 248 -13.74 22.84 -3.30
C HIS A 248 -14.37 21.81 -4.23
N ALA A 249 -15.57 22.08 -4.75
CA ALA A 249 -16.32 21.07 -5.48
C ALA A 249 -16.85 21.62 -6.81
N PRO A 250 -15.95 22.03 -7.71
CA PRO A 250 -16.42 22.67 -8.94
C PRO A 250 -17.31 21.78 -9.81
N PHE A 251 -17.19 20.47 -9.68
CA PHE A 251 -18.03 19.54 -10.44
C PHE A 251 -19.51 19.69 -10.11
N ARG A 252 -19.84 20.22 -8.94
CA ARG A 252 -21.24 20.51 -8.60
C ARG A 252 -21.54 22.00 -8.51
N GLU A 253 -20.53 22.81 -8.19
CA GLU A 253 -20.70 24.26 -8.06
CA GLU A 253 -20.73 24.25 -8.07
C GLU A 253 -20.77 24.94 -9.43
N ALA A 254 -20.03 24.40 -10.39
CA ALA A 254 -19.95 24.95 -11.73
C ALA A 254 -19.91 23.81 -12.74
N PRO A 255 -20.97 23.01 -12.81
CA PRO A 255 -20.86 21.78 -13.61
C PRO A 255 -20.52 21.97 -15.08
N ALA A 256 -21.10 22.96 -15.75
CA ALA A 256 -20.81 23.14 -17.17
C ALA A 256 -19.34 23.43 -17.42
N GLU A 257 -18.76 24.34 -16.62
CA GLU A 257 -17.36 24.68 -16.81
C GLU A 257 -16.45 23.51 -16.43
N PHE A 258 -16.76 22.85 -15.31
CA PHE A 258 -15.98 21.69 -14.92
C PHE A 258 -16.07 20.59 -15.98
N ASP A 259 -17.27 20.34 -16.47
CA ASP A 259 -17.49 19.27 -17.44
C ASP A 259 -16.75 19.54 -18.74
N ALA A 260 -16.55 20.80 -19.10
CA ALA A 260 -15.74 21.12 -20.28
C ALA A 260 -14.33 20.55 -20.11
N TYR A 261 -13.73 20.77 -18.96
CA TYR A 261 -12.41 20.20 -18.69
C TYR A 261 -12.44 18.68 -18.66
N LEU A 262 -13.38 18.10 -17.92
CA LEU A 262 -13.42 16.66 -17.76
C LEU A 262 -13.66 15.97 -19.10
N ALA A 263 -14.62 16.46 -19.87
CA ALA A 263 -14.90 15.87 -21.18
C ALA A 263 -13.68 15.95 -22.10
N ARG A 264 -13.02 17.09 -22.11
CA ARG A 264 -11.86 17.27 -22.98
C ARG A 264 -10.73 16.33 -22.56
N PHE A 265 -10.53 16.20 -21.25
CA PHE A 265 -9.51 15.30 -20.73
C PHE A 265 -9.82 13.85 -21.09
N ILE A 266 -11.06 13.41 -20.92
CA ILE A 266 -11.41 12.04 -21.28
C ILE A 266 -11.18 11.81 -22.77
N ARG A 267 -11.65 12.75 -23.61
CA ARG A 267 -11.45 12.62 -25.05
C ARG A 267 -9.95 12.50 -25.36
N ASP A 268 -9.15 13.38 -24.75
CA ASP A 268 -7.73 13.40 -25.01
C ASP A 268 -7.06 12.09 -24.60
N CYS A 269 -7.50 11.50 -23.48
CA CYS A 269 -6.87 10.30 -22.94
C CYS A 269 -7.33 9.01 -23.60
N THR A 270 -8.44 9.06 -24.33
CA THR A 270 -9.07 7.85 -24.84
C THR A 270 -9.34 7.85 -26.34
N GLN A 271 -9.37 9.01 -26.98
CA GLN A 271 -9.73 9.08 -28.39
C GLN A 271 -8.78 9.90 -29.23
N LEU A 272 -7.58 10.13 -28.72
CA LEU A 272 -6.50 10.64 -29.55
C LEU A 272 -5.52 9.53 -29.84
N GLU A 273 -4.90 9.59 -31.00
CA GLU A 273 -3.87 8.65 -31.38
C GLU A 273 -2.77 8.69 -30.32
N HIS A 274 -2.34 7.52 -29.85
CA HIS A 274 -1.27 7.49 -28.86
C HIS A 274 0.11 7.17 -29.45
N HIS A 275 1.07 8.04 -29.15
CA HIS A 275 2.47 7.84 -29.53
C HIS A 275 3.33 8.13 -28.31
N HIS A 276 4.30 7.26 -28.04
CA HIS A 276 5.18 7.46 -26.89
C HIS A 276 5.98 8.75 -26.99
N ILE B 3 2.72 -30.53 10.06
CA ILE B 3 2.38 -29.19 9.58
C ILE B 3 1.00 -29.20 8.95
N ASN B 4 0.11 -28.31 9.38
CA ASN B 4 -1.20 -28.10 8.81
C ASN B 4 -1.05 -27.22 7.55
N TYR B 5 -1.65 -27.64 6.45
CA TYR B 5 -1.60 -26.90 5.19
C TYR B 5 -3.01 -26.53 4.78
N HIS B 6 -3.22 -25.27 4.41
CA HIS B 6 -4.48 -24.88 3.79
C HIS B 6 -4.28 -23.65 2.91
N GLU B 7 -5.36 -23.22 2.25
CA GLU B 7 -5.28 -22.14 1.28
C GLU B 7 -6.40 -21.13 1.52
N LEU B 8 -6.08 -19.86 1.35
CA LEU B 8 -7.04 -18.79 1.55
C LEU B 8 -7.27 -18.02 0.26
N GLU B 9 -8.53 -17.67 0.00
CA GLU B 9 -8.84 -16.80 -1.13
C GLU B 9 -8.76 -15.34 -0.69
N THR B 10 -7.86 -14.59 -1.30
CA THR B 10 -7.68 -13.19 -0.98
C THR B 10 -7.84 -12.34 -2.23
N SER B 11 -7.85 -11.03 -2.05
CA SER B 11 -7.98 -10.10 -3.16
C SER B 11 -6.77 -10.19 -4.08
N HIS B 12 -5.73 -10.90 -3.62
CA HIS B 12 -4.51 -11.00 -4.39
C HIS B 12 -4.41 -12.30 -5.18
N GLY B 13 -5.21 -13.29 -4.78
CA GLY B 13 -5.11 -14.64 -5.31
C GLY B 13 -5.26 -15.65 -4.19
N ARG B 14 -5.00 -16.87 -4.52
CA ARG B 14 -5.16 -17.91 -3.59
C ARG B 14 -3.80 -18.16 -2.88
N ILE B 15 -3.80 -18.02 -1.55
CA ILE B 15 -2.57 -18.02 -0.75
CA ILE B 15 -2.55 -18.06 -0.80
C ILE B 15 -2.43 -19.32 0.04
N ALA B 16 -1.33 -20.03 -0.17
CA ALA B 16 -1.03 -21.23 0.61
C ALA B 16 -0.49 -20.83 1.98
N VAL B 17 -0.92 -21.53 3.02
CA VAL B 17 -0.54 -21.25 4.39
C VAL B 17 -0.13 -22.55 5.10
N ARG B 18 1.06 -22.56 5.68
CA ARG B 18 1.48 -23.65 6.54
C ARG B 18 1.38 -23.18 7.99
N GLU B 19 0.92 -24.07 8.86
CA GLU B 19 0.86 -23.75 10.29
C GLU B 19 1.45 -24.89 11.11
N SER B 20 2.26 -24.54 12.10
CA SER B 20 2.79 -25.55 13.03
C SER B 20 1.70 -25.96 14.01
N GLU B 21 2.02 -26.98 14.82
CA GLU B 21 1.09 -27.52 15.81
C GLU B 21 1.05 -26.73 17.13
N GLY B 22 2.01 -25.81 17.30
CA GLY B 22 2.13 -25.07 18.55
C GLY B 22 0.89 -24.28 18.90
N GLU B 23 0.60 -24.21 20.21
CA GLU B 23 -0.59 -23.54 20.72
C GLU B 23 -0.31 -22.21 21.38
N GLY B 24 0.93 -21.83 21.40
CA GLY B 24 1.32 -20.56 21.99
C GLY B 24 1.07 -19.38 21.06
N ALA B 25 1.58 -18.24 21.46
CA ALA B 25 1.41 -16.99 20.70
C ALA B 25 1.78 -17.19 19.24
N PRO B 26 1.05 -16.50 18.34
CA PRO B 26 1.31 -16.67 16.90
C PRO B 26 2.52 -15.90 16.40
N LEU B 27 3.23 -16.53 15.47
CA LEU B 27 4.37 -15.96 14.76
C LEU B 27 4.12 -16.09 13.27
N LEU B 28 4.04 -14.97 12.56
CA LEU B 28 3.97 -14.97 11.11
C LEU B 28 5.40 -14.90 10.58
N MET B 29 5.80 -15.88 9.76
CA MET B 29 7.10 -15.86 9.11
C MET B 29 6.90 -15.60 7.63
N ILE B 30 7.59 -14.59 7.09
CA ILE B 30 7.42 -14.15 5.71
C ILE B 30 8.72 -14.39 4.95
N HIS B 31 8.63 -15.21 3.91
CA HIS B 31 9.80 -15.64 3.15
C HIS B 31 10.32 -14.55 2.21
N GLY B 32 11.44 -14.85 1.58
CA GLY B 32 12.14 -13.90 0.74
C GLY B 32 11.86 -14.05 -0.74
N ASN B 33 12.57 -13.25 -1.51
CA ASN B 33 12.44 -13.19 -2.97
C ASN B 33 12.64 -14.56 -3.60
N SER B 34 11.63 -15.03 -4.32
CA SER B 34 11.71 -16.29 -5.08
C SER B 34 11.77 -17.53 -4.18
N SER B 35 11.40 -17.37 -2.92
CA SER B 35 11.38 -18.47 -1.98
C SER B 35 9.94 -18.94 -1.72
N SER B 36 9.75 -19.56 -0.56
CA SER B 36 8.47 -20.13 -0.15
CA SER B 36 8.41 -19.96 -0.12
C SER B 36 8.47 -20.25 1.36
N GLY B 37 7.29 -20.29 1.99
CA GLY B 37 7.19 -20.56 3.41
C GLY B 37 7.78 -21.93 3.79
N ALA B 38 7.90 -22.83 2.81
CA ALA B 38 8.52 -24.13 3.06
C ALA B 38 9.96 -23.99 3.56
N ILE B 39 10.58 -22.86 3.27
CA ILE B 39 11.96 -22.61 3.69
C ILE B 39 12.08 -22.58 5.22
N PHE B 40 10.96 -22.36 5.91
CA PHE B 40 10.95 -22.26 7.36
C PHE B 40 10.68 -23.61 8.04
N ALA B 41 10.88 -24.69 7.29
CA ALA B 41 10.79 -26.03 7.87
C ALA B 41 11.46 -26.19 9.24
N PRO B 42 12.67 -25.64 9.44
CA PRO B 42 13.29 -25.87 10.74
C PRO B 42 12.49 -25.28 11.90
N GLN B 43 11.83 -24.15 11.68
CA GLN B 43 10.96 -23.54 12.67
C GLN B 43 9.59 -24.21 12.74
N LEU B 44 9.00 -24.47 11.59
CA LEU B 44 7.69 -25.12 11.55
C LEU B 44 7.68 -26.46 12.25
N GLU B 45 8.74 -27.25 12.06
CA GLU B 45 8.80 -28.63 12.53
C GLU B 45 9.62 -28.79 13.78
N GLY B 46 10.34 -27.75 14.20
CA GLY B 46 11.23 -27.84 15.35
C GLY B 46 10.68 -27.18 16.59
N GLU B 47 11.57 -26.83 17.52
CA GLU B 47 11.20 -26.32 18.86
C GLU B 47 10.32 -25.06 18.77
N ILE B 48 10.63 -24.18 17.80
CA ILE B 48 9.87 -22.95 17.72
C ILE B 48 8.39 -23.26 17.43
N GLY B 49 8.16 -24.08 16.40
CA GLY B 49 6.81 -24.42 15.98
C GLY B 49 6.07 -25.36 16.90
N LYS B 50 6.80 -26.07 17.76
CA LYS B 50 6.16 -26.94 18.74
CA LYS B 50 6.17 -26.93 18.74
C LYS B 50 5.54 -26.11 19.86
N LYS B 51 6.13 -24.96 20.17
CA LYS B 51 5.61 -24.11 21.24
CA LYS B 51 5.61 -24.10 21.24
C LYS B 51 4.66 -23.04 20.71
N TRP B 52 5.09 -22.34 19.67
CA TRP B 52 4.35 -21.20 19.15
C TRP B 52 3.59 -21.59 17.89
N ARG B 53 2.51 -20.87 17.61
CA ARG B 53 1.74 -21.10 16.39
C ARG B 53 2.44 -20.38 15.25
N VAL B 54 3.26 -21.13 14.51
CA VAL B 54 4.03 -20.57 13.41
C VAL B 54 3.20 -20.65 12.13
N ILE B 55 3.09 -19.51 11.45
CA ILE B 55 2.28 -19.36 10.25
C ILE B 55 3.23 -18.92 9.14
N ALA B 56 3.34 -19.75 8.09
CA ALA B 56 4.32 -19.51 7.03
C ALA B 56 3.63 -19.60 5.67
N PRO B 57 3.09 -18.46 5.20
CA PRO B 57 2.39 -18.45 3.91
C PRO B 57 3.38 -18.39 2.75
N ASP B 58 2.84 -18.61 1.55
CA ASP B 58 3.56 -18.31 0.33
C ASP B 58 3.03 -17.00 -0.26
N LEU B 59 3.91 -16.07 -0.57
CA LEU B 59 3.49 -14.86 -1.24
C LEU B 59 2.86 -15.18 -2.59
N PRO B 60 1.92 -14.35 -3.05
CA PRO B 60 1.45 -14.47 -4.43
C PRO B 60 2.65 -14.59 -5.37
N GLY B 61 2.53 -15.45 -6.39
CA GLY B 61 3.60 -15.66 -7.35
C GLY B 61 4.70 -16.58 -6.88
N HIS B 62 4.58 -17.12 -5.67
CA HIS B 62 5.63 -17.91 -5.04
C HIS B 62 5.08 -19.21 -4.50
N GLY B 63 5.95 -20.22 -4.40
CA GLY B 63 5.58 -21.46 -3.74
C GLY B 63 4.30 -22.06 -4.26
N LYS B 64 3.42 -22.43 -3.34
CA LYS B 64 2.17 -23.10 -3.63
C LYS B 64 0.99 -22.13 -3.75
N SER B 65 1.25 -20.83 -3.64
CA SER B 65 0.23 -19.84 -3.93
C SER B 65 0.07 -19.67 -5.44
N THR B 66 -1.07 -19.13 -5.86
CA THR B 66 -1.24 -18.82 -7.26
C THR B 66 -0.43 -17.59 -7.61
N ASP B 67 -0.20 -17.39 -8.91
CA ASP B 67 0.27 -16.09 -9.36
C ASP B 67 -0.78 -15.05 -8.97
N ALA B 68 -0.37 -13.80 -8.88
CA ALA B 68 -1.29 -12.73 -8.49
C ALA B 68 -2.37 -12.54 -9.53
N ILE B 69 -3.58 -12.21 -9.09
CA ILE B 69 -4.64 -11.80 -10.00
C ILE B 69 -4.18 -10.55 -10.75
N ASP B 70 -3.55 -9.67 -10.03
CA ASP B 70 -3.07 -8.47 -10.52
C ASP B 70 -1.55 -8.04 -10.17
N PRO B 71 -0.63 -8.46 -11.02
N PRO B 71 -0.64 -8.39 -11.06
CA PRO B 71 0.79 -8.30 -10.66
CA PRO B 71 0.79 -8.26 -10.77
C PRO B 71 1.27 -6.89 -10.30
C PRO B 71 1.24 -6.90 -10.23
N ASP B 72 0.74 -5.85 -10.93
N ASP B 72 1.00 -5.81 -10.96
CA ASP B 72 1.26 -4.50 -10.69
CA ASP B 72 1.47 -4.48 -10.53
C ASP B 72 0.94 -4.02 -9.27
C ASP B 72 1.05 -4.15 -9.11
N ARG B 73 -0.19 -4.49 -8.75
CA ARG B 73 -0.62 -4.23 -7.37
C ARG B 73 -0.01 -5.17 -6.35
N SER B 74 0.03 -6.46 -6.67
N SER B 74 0.09 -6.45 -6.68
CA SER B 74 0.37 -7.47 -5.67
CA SER B 74 0.49 -7.46 -5.70
C SER B 74 1.86 -7.70 -5.53
C SER B 74 2.00 -7.56 -5.49
N TYR B 75 2.60 -7.45 -6.59
N TYR B 75 2.77 -7.53 -6.57
CA TYR B 75 4.03 -7.72 -6.58
CA TYR B 75 4.20 -7.85 -6.50
C TYR B 75 4.78 -6.46 -6.23
C TYR B 75 5.03 -6.64 -6.12
N SER B 76 4.71 -6.07 -4.97
CA SER B 76 5.44 -4.92 -4.45
C SER B 76 5.49 -5.14 -2.98
N MET B 77 6.44 -4.49 -2.32
CA MET B 77 6.55 -4.67 -0.89
C MET B 77 5.24 -4.34 -0.17
N GLU B 78 4.60 -3.25 -0.59
CA GLU B 78 3.35 -2.85 0.02
C GLU B 78 2.18 -3.75 -0.40
N GLY B 79 2.20 -4.25 -1.64
CA GLY B 79 1.18 -5.18 -2.07
C GLY B 79 1.24 -6.50 -1.33
N TYR B 80 2.45 -7.02 -1.15
CA TYR B 80 2.62 -8.23 -0.36
C TYR B 80 2.19 -7.99 1.09
N ALA B 81 2.50 -6.81 1.62
CA ALA B 81 2.08 -6.47 2.99
C ALA B 81 0.56 -6.47 3.10
N ASP B 82 -0.11 -5.93 2.09
CA ASP B 82 -1.55 -5.96 2.06
C ASP B 82 -2.08 -7.40 2.05
N ALA B 83 -1.45 -8.24 1.22
CA ALA B 83 -1.86 -9.64 1.15
C ALA B 83 -1.70 -10.33 2.50
N MET B 84 -0.58 -10.11 3.17
CA MET B 84 -0.36 -10.75 4.47
C MET B 84 -1.33 -10.22 5.52
N THR B 85 -1.70 -8.95 5.42
CA THR B 85 -2.69 -8.36 6.31
C THR B 85 -4.04 -9.05 6.11
N GLU B 86 -4.41 -9.33 4.86
CA GLU B 86 -5.62 -10.09 4.58
C GLU B 86 -5.56 -11.49 5.17
N VAL B 87 -4.43 -12.16 5.01
CA VAL B 87 -4.25 -13.50 5.54
C VAL B 87 -4.49 -13.49 7.05
N MET B 88 -3.84 -12.57 7.75
CA MET B 88 -3.96 -12.55 9.20
C MET B 88 -5.39 -12.23 9.65
N GLN B 89 -6.08 -11.38 8.92
CA GLN B 89 -7.46 -11.07 9.23
C GLN B 89 -8.34 -12.30 9.05
N GLN B 90 -8.12 -13.04 7.96
CA GLN B 90 -8.88 -14.26 7.74
C GLN B 90 -8.61 -15.32 8.81
N LEU B 91 -7.38 -15.34 9.33
CA LEU B 91 -7.03 -16.25 10.41
C LEU B 91 -7.53 -15.75 11.77
N GLY B 92 -8.00 -14.52 11.82
CA GLY B 92 -8.52 -13.95 13.07
C GLY B 92 -7.45 -13.63 14.09
N ILE B 93 -6.25 -13.28 13.61
CA ILE B 93 -5.11 -12.99 14.47
C ILE B 93 -4.60 -11.57 14.27
N ALA B 94 -4.73 -10.73 15.28
CA ALA B 94 -4.36 -9.31 15.15
C ALA B 94 -3.03 -8.96 15.79
N ASP B 95 -2.47 -9.89 16.57
CA ASP B 95 -1.33 -9.57 17.43
C ASP B 95 -0.15 -10.50 17.26
N ALA B 96 0.05 -11.02 16.05
CA ALA B 96 1.20 -11.86 15.81
C ALA B 96 2.50 -11.09 16.00
N VAL B 97 3.53 -11.82 16.42
CA VAL B 97 4.90 -11.39 16.20
C VAL B 97 5.20 -11.75 14.74
N VAL B 98 5.98 -10.91 14.06
CA VAL B 98 6.30 -11.13 12.66
C VAL B 98 7.82 -11.30 12.51
N PHE B 99 8.20 -12.33 11.76
CA PHE B 99 9.57 -12.52 11.32
C PHE B 99 9.59 -12.37 9.82
N GLY B 100 10.41 -11.46 9.31
CA GLY B 100 10.51 -11.27 7.88
C GLY B 100 11.93 -11.53 7.40
N TRP B 101 12.04 -12.43 6.43
CA TRP B 101 13.31 -12.79 5.83
C TRP B 101 13.52 -12.05 4.51
N SER B 102 14.42 -11.08 4.54
CA SER B 102 14.89 -10.36 3.37
CA SER B 102 14.89 -10.35 3.35
C SER B 102 13.76 -9.56 2.71
N LEU B 103 13.32 -9.92 1.50
CA LEU B 103 12.10 -9.30 0.98
C LEU B 103 11.00 -9.35 2.05
N GLY B 104 10.90 -10.48 2.75
CA GLY B 104 9.91 -10.61 3.80
C GLY B 104 10.05 -9.61 4.93
N GLY B 105 11.28 -9.21 5.23
CA GLY B 105 11.52 -8.14 6.20
C GLY B 105 11.02 -6.79 5.71
N HIS B 106 11.23 -6.48 4.44
CA HIS B 106 10.71 -5.25 3.86
C HIS B 106 9.17 -5.27 3.90
N ILE B 107 8.58 -6.42 3.61
CA ILE B 107 7.14 -6.61 3.70
C ILE B 107 6.67 -6.37 5.14
N GLY B 108 7.37 -6.96 6.10
CA GLY B 108 7.03 -6.74 7.50
C GLY B 108 7.06 -5.28 7.91
N ILE B 109 8.03 -4.53 7.40
CA ILE B 109 8.09 -3.09 7.66
C ILE B 109 6.85 -2.40 7.10
N GLU B 110 6.46 -2.75 5.88
CA GLU B 110 5.23 -2.21 5.29
CA GLU B 110 5.23 -2.18 5.31
C GLU B 110 3.97 -2.62 6.06
N MET B 111 4.04 -3.76 6.75
CA MET B 111 2.91 -4.25 7.52
CA MET B 111 2.89 -4.23 7.52
C MET B 111 2.65 -3.44 8.80
N ILE B 112 3.68 -2.75 9.29
CA ILE B 112 3.53 -2.04 10.57
C ILE B 112 2.31 -1.11 10.56
N ALA B 113 2.12 -0.34 9.49
CA ALA B 113 1.00 0.58 9.44
C ALA B 113 -0.34 -0.17 9.34
N ARG B 114 -0.32 -1.30 8.67
CA ARG B 114 -1.53 -2.06 8.36
C ARG B 114 -1.95 -3.03 9.46
N TYR B 115 -1.06 -3.25 10.43
CA TYR B 115 -1.21 -4.32 11.41
C TYR B 115 -0.73 -3.75 12.75
N PRO B 116 -1.48 -2.79 13.31
CA PRO B 116 -0.96 -1.98 14.41
C PRO B 116 -0.77 -2.71 15.74
N GLU B 117 -1.38 -3.87 15.91
CA GLU B 117 -1.17 -4.62 17.15
C GLU B 117 -0.09 -5.70 17.01
N MET B 118 0.66 -5.65 15.92
CA MET B 118 1.86 -6.46 15.79
C MET B 118 2.67 -6.39 17.08
N ARG B 119 3.05 -7.54 17.64
CA ARG B 119 3.71 -7.50 18.94
C ARG B 119 5.22 -7.31 18.84
N GLY B 120 5.78 -7.53 17.66
CA GLY B 120 7.18 -7.28 17.41
C GLY B 120 7.47 -7.66 15.98
N LEU B 121 8.58 -7.16 15.46
CA LEU B 121 9.03 -7.49 14.10
C LEU B 121 10.51 -7.83 14.16
N MET B 122 10.88 -9.03 13.70
CA MET B 122 12.29 -9.39 13.54
C MET B 122 12.59 -9.42 12.05
N ILE B 123 13.68 -8.77 11.66
CA ILE B 123 14.11 -8.73 10.27
C ILE B 123 15.50 -9.29 10.09
N THR B 124 15.62 -10.20 9.13
CA THR B 124 16.87 -10.90 8.82
C THR B 124 17.11 -10.78 7.32
N GLY B 125 18.29 -10.31 6.94
CA GLY B 125 18.60 -10.13 5.53
C GLY B 125 17.96 -8.89 4.93
N THR B 126 17.64 -7.92 5.79
CA THR B 126 16.86 -6.74 5.40
C THR B 126 17.47 -5.46 5.95
N PRO B 127 17.98 -4.59 5.07
CA PRO B 127 18.37 -3.24 5.51
C PRO B 127 17.20 -2.29 5.29
N PRO B 128 16.66 -1.68 6.35
CA PRO B 128 15.63 -0.66 6.12
C PRO B 128 16.27 0.48 5.36
N VAL B 129 15.77 0.75 4.15
CA VAL B 129 16.32 1.79 3.28
C VAL B 129 15.22 2.61 2.65
N ALA B 130 15.46 3.91 2.55
CA ALA B 130 14.70 4.76 1.64
C ALA B 130 15.18 4.41 0.23
N ARG B 131 14.38 4.72 -0.78
CA ARG B 131 14.74 4.28 -2.12
CA ARG B 131 14.72 4.34 -2.15
C ARG B 131 16.12 4.79 -2.57
N GLU B 132 16.52 5.96 -2.08
CA GLU B 132 17.80 6.52 -2.49
C GLU B 132 18.99 5.87 -1.77
N GLU B 133 18.70 4.97 -0.83
CA GLU B 133 19.74 4.34 -0.02
C GLU B 133 20.06 2.91 -0.43
N VAL B 134 19.46 2.42 -1.52
CA VAL B 134 19.65 1.03 -1.92
C VAL B 134 21.13 0.67 -2.09
N GLY B 135 21.89 1.58 -2.69
CA GLY B 135 23.31 1.33 -2.91
C GLY B 135 24.13 1.25 -1.63
N GLN B 136 23.64 1.87 -0.57
CA GLN B 136 24.34 1.85 0.72
C GLN B 136 23.95 0.64 1.55
N GLY B 137 22.70 0.19 1.42
CA GLY B 137 22.20 -0.88 2.24
C GLY B 137 22.55 -2.26 1.73
N PHE B 138 22.78 -2.38 0.42
CA PHE B 138 23.06 -3.67 -0.20
C PHE B 138 24.44 -3.73 -0.83
N LYS B 139 25.01 -4.93 -0.82
CA LYS B 139 26.26 -5.21 -1.52
CA LYS B 139 26.27 -5.22 -1.51
C LYS B 139 25.99 -5.51 -2.98
N SER B 140 26.85 -4.98 -3.87
CA SER B 140 26.71 -5.25 -5.29
C SER B 140 27.28 -6.63 -5.59
N GLY B 141 26.63 -7.34 -6.53
CA GLY B 141 27.08 -8.67 -6.90
C GLY B 141 26.14 -9.27 -7.93
N PRO B 142 26.57 -10.38 -8.55
CA PRO B 142 25.76 -11.00 -9.61
C PRO B 142 24.43 -11.55 -9.11
N ASP B 143 24.39 -12.03 -7.87
CA ASP B 143 23.13 -12.55 -7.35
C ASP B 143 22.20 -11.43 -6.94
N MET B 144 22.76 -10.36 -6.37
CA MET B 144 21.97 -9.18 -6.07
CA MET B 144 21.99 -9.15 -6.08
C MET B 144 21.33 -8.65 -7.35
N ALA B 145 22.06 -8.72 -8.46
CA ALA B 145 21.53 -8.28 -9.76
C ALA B 145 20.32 -9.12 -10.21
N LEU B 146 20.26 -10.37 -9.79
CA LEU B 146 19.15 -11.24 -10.17
C LEU B 146 17.86 -10.95 -9.43
N ALA B 147 17.95 -10.26 -8.30
CA ALA B 147 16.79 -10.03 -7.45
C ALA B 147 15.67 -9.35 -8.22
N GLY B 148 16.03 -8.49 -9.17
CA GLY B 148 15.04 -7.77 -9.97
C GLY B 148 14.91 -8.22 -11.42
N GLN B 149 15.46 -9.39 -11.75
CA GLN B 149 15.49 -9.86 -13.12
C GLN B 149 14.36 -10.85 -13.37
N GLU B 150 13.52 -10.57 -14.36
CA GLU B 150 12.39 -11.44 -14.63
C GLU B 150 12.78 -12.83 -15.12
N ILE B 151 13.63 -12.87 -16.14
CA ILE B 151 13.95 -14.13 -16.80
C ILE B 151 15.20 -14.73 -16.20
N PHE B 152 15.06 -15.93 -15.63
CA PHE B 152 16.18 -16.68 -15.10
C PHE B 152 16.53 -17.84 -16.02
N SER B 153 17.81 -18.00 -16.31
CA SER B 153 18.32 -19.23 -16.91
C SER B 153 18.41 -20.29 -15.82
N GLU B 154 18.74 -21.52 -16.19
CA GLU B 154 18.91 -22.56 -15.18
CA GLU B 154 18.91 -22.56 -15.18
C GLU B 154 20.06 -22.22 -14.24
N ARG B 155 21.11 -21.63 -14.77
CA ARG B 155 22.22 -21.24 -13.93
C ARG B 155 21.89 -20.06 -13.01
N ASP B 156 21.02 -19.16 -13.47
CA ASP B 156 20.48 -18.11 -12.62
C ASP B 156 19.70 -18.70 -11.44
N VAL B 157 18.84 -19.68 -11.74
CA VAL B 157 18.06 -20.33 -10.69
C VAL B 157 19.00 -20.91 -9.62
N GLU B 158 20.02 -21.63 -10.07
CA GLU B 158 20.93 -22.26 -9.13
C GLU B 158 21.75 -21.25 -8.35
N SER B 159 22.31 -20.26 -9.03
CA SER B 159 23.13 -19.28 -8.34
C SER B 159 22.32 -18.51 -7.30
N TYR B 160 21.12 -18.09 -7.68
CA TYR B 160 20.26 -17.33 -6.78
C TYR B 160 19.84 -18.19 -5.61
N ALA B 161 19.43 -19.42 -5.87
CA ALA B 161 19.01 -20.31 -4.80
C ALA B 161 20.15 -20.58 -3.81
N ARG B 162 21.34 -20.85 -4.34
CA ARG B 162 22.48 -21.16 -3.47
C ARG B 162 22.90 -19.96 -2.62
N SER B 163 22.93 -18.77 -3.22
CA SER B 163 23.35 -17.58 -2.48
CA SER B 163 23.35 -17.56 -2.51
C SER B 163 22.32 -17.13 -1.46
N THR B 164 21.04 -17.25 -1.78
CA THR B 164 20.03 -16.84 -0.82
C THR B 164 19.83 -17.83 0.31
N CYS B 165 19.97 -19.13 0.02
CA CYS B 165 19.60 -20.16 0.99
C CYS B 165 20.75 -20.70 1.82
N GLY B 166 21.96 -20.63 1.28
CA GLY B 166 23.13 -21.16 1.97
C GLY B 166 23.11 -22.67 2.16
N GLU B 167 23.99 -23.14 3.02
CA GLU B 167 24.08 -24.57 3.31
C GLU B 167 23.07 -24.92 4.40
N PRO B 168 22.44 -26.10 4.28
CA PRO B 168 22.65 -27.13 3.28
C PRO B 168 21.79 -26.88 2.06
N PHE B 169 22.33 -27.14 0.88
CA PHE B 169 21.56 -26.95 -0.32
C PHE B 169 20.88 -28.23 -0.71
N GLU B 170 19.75 -28.15 -1.39
CA GLU B 170 19.17 -29.33 -1.99
C GLU B 170 18.30 -28.96 -3.17
N ALA B 171 17.99 -29.96 -3.98
CA ALA B 171 17.30 -29.75 -5.25
C ALA B 171 15.95 -29.07 -5.13
N SER B 172 15.20 -29.32 -4.05
CA SER B 172 13.90 -28.70 -3.89
C SER B 172 13.96 -27.18 -3.90
N LEU B 173 15.11 -26.63 -3.49
CA LEU B 173 15.30 -25.18 -3.49
C LEU B 173 15.32 -24.63 -4.92
N LEU B 174 15.89 -25.39 -5.85
CA LEU B 174 15.85 -25.00 -7.26
C LEU B 174 14.41 -24.96 -7.74
N ASP B 175 13.61 -25.94 -7.36
CA ASP B 175 12.22 -25.99 -7.79
C ASP B 175 11.43 -24.79 -7.28
N ILE B 176 11.68 -24.39 -6.05
CA ILE B 176 11.02 -23.24 -5.47
C ILE B 176 11.37 -21.96 -6.24
N VAL B 177 12.65 -21.73 -6.47
CA VAL B 177 13.08 -20.52 -7.17
C VAL B 177 12.59 -20.53 -8.61
N ALA B 178 12.67 -21.69 -9.26
CA ALA B 178 12.22 -21.79 -10.65
C ALA B 178 10.72 -21.54 -10.81
N ARG B 179 9.93 -21.93 -9.82
CA ARG B 179 8.49 -21.72 -9.90
C ARG B 179 8.10 -20.24 -9.93
N THR B 180 8.85 -19.42 -9.22
CA THR B 180 8.46 -18.04 -8.99
C THR B 180 8.07 -17.33 -10.28
N ASP B 181 6.95 -16.62 -10.25
CA ASP B 181 6.54 -15.77 -11.35
C ASP B 181 7.59 -14.67 -11.49
N GLY B 182 8.37 -14.71 -12.55
CA GLY B 182 9.50 -13.80 -12.70
C GLY B 182 9.08 -12.34 -12.77
N ARG B 183 7.85 -12.09 -13.22
CA ARG B 183 7.32 -10.74 -13.21
C ARG B 183 7.39 -10.13 -11.81
N ALA B 184 7.26 -10.97 -10.79
CA ALA B 184 7.27 -10.48 -9.42
C ALA B 184 8.62 -9.88 -9.04
N ARG B 185 9.71 -10.46 -9.54
CA ARG B 185 11.04 -9.93 -9.27
C ARG B 185 11.18 -8.54 -9.89
N ARG B 186 10.86 -8.45 -11.17
CA ARG B 186 11.03 -7.21 -11.90
C ARG B 186 10.14 -6.10 -11.33
N ILE B 187 8.87 -6.41 -11.14
CA ILE B 187 7.92 -5.40 -10.66
C ILE B 187 8.24 -4.93 -9.25
N MET B 188 8.54 -5.87 -8.35
CA MET B 188 8.85 -5.49 -6.99
C MET B 188 10.04 -4.55 -6.96
N PHE B 189 11.07 -4.86 -7.73
CA PHE B 189 12.27 -4.05 -7.72
CA PHE B 189 12.27 -4.05 -7.78
C PHE B 189 12.00 -2.66 -8.31
N GLU B 190 11.22 -2.70 -9.38
CA GLU B 190 10.88 -1.38 -10.00
C GLU B 190 10.10 -0.48 -9.03
N LYS B 191 9.09 -1.07 -8.40
CA LYS B 191 8.22 -0.31 -7.49
C LYS B 191 9.00 0.20 -6.29
N PHE B 192 9.90 -0.66 -5.77
N PHE B 192 10.00 -0.53 -5.83
CA PHE B 192 10.76 -0.45 -4.57
CA PHE B 192 10.83 0.11 -4.85
C PHE B 192 11.79 0.66 -4.76
C PHE B 192 11.51 1.33 -5.45
N GLY B 193 12.51 0.60 -5.87
N GLY B 193 12.06 1.20 -6.65
CA GLY B 193 13.45 1.66 -6.19
CA GLY B 193 12.79 2.29 -7.28
C GLY B 193 12.74 2.97 -6.49
C GLY B 193 11.91 3.50 -7.47
N SER B 194 11.47 2.91 -6.86
N SER B 194 10.61 3.27 -7.56
CA SER B 194 10.73 4.11 -7.29
CA SER B 194 9.67 4.36 -7.66
C SER B 194 10.10 4.88 -6.14
C SER B 194 9.14 4.81 -6.30
N GLY B 195 9.55 4.15 -5.20
CA GLY B 195 9.08 4.70 -3.94
CA GLY B 195 9.11 4.59 -3.88
C GLY B 195 7.59 4.60 -3.82
N THR B 196 7.01 3.52 -4.35
CA THR B 196 5.57 3.43 -4.39
C THR B 196 4.96 3.10 -3.03
N GLY B 197 5.77 2.58 -2.12
CA GLY B 197 5.31 2.30 -0.76
C GLY B 197 5.88 3.27 0.24
N GLY B 198 5.62 3.02 1.52
CA GLY B 198 6.11 3.90 2.56
C GLY B 198 7.61 3.87 2.71
N ASN B 199 8.20 5.01 3.06
CA ASN B 199 9.63 5.14 3.26
C ASN B 199 10.05 4.32 4.47
N GLN B 200 10.86 3.28 4.23
CA GLN B 200 11.16 2.30 5.27
C GLN B 200 12.11 2.83 6.33
N ARG B 201 12.96 3.77 5.97
CA ARG B 201 13.82 4.41 6.93
CA ARG B 201 13.83 4.42 6.92
C ARG B 201 12.98 5.14 7.97
N ASP B 202 12.00 5.89 7.51
CA ASP B 202 11.12 6.61 8.41
C ASP B 202 10.23 5.67 9.21
N ILE B 203 9.73 4.63 8.56
CA ILE B 203 8.85 3.70 9.25
C ILE B 203 9.54 3.06 10.46
N VAL B 204 10.75 2.54 10.27
CA VAL B 204 11.40 1.87 11.40
C VAL B 204 11.84 2.87 12.48
N ALA B 205 12.16 4.09 12.08
CA ALA B 205 12.54 5.11 13.05
C ALA B 205 11.37 5.44 13.98
N GLU B 206 10.17 5.42 13.42
CA GLU B 206 8.99 5.91 14.12
C GLU B 206 8.16 4.80 14.77
N ALA B 207 8.48 3.56 14.43
CA ALA B 207 7.75 2.41 14.96
C ALA B 207 8.04 2.21 16.44
N GLN B 208 6.99 2.01 17.22
CA GLN B 208 7.16 1.88 18.67
C GLN B 208 7.31 0.42 19.11
N LEU B 209 6.86 -0.52 18.30
CA LEU B 209 7.00 -1.93 18.66
C LEU B 209 8.47 -2.34 18.63
N PRO B 210 8.80 -3.40 19.37
CA PRO B 210 10.18 -3.90 19.30
C PRO B 210 10.52 -4.39 17.90
N ILE B 211 11.64 -3.91 17.38
CA ILE B 211 12.18 -4.43 16.13
C ILE B 211 13.52 -5.08 16.43
N ALA B 212 13.63 -6.36 16.09
CA ALA B 212 14.86 -7.11 16.23
C ALA B 212 15.55 -7.26 14.88
N VAL B 213 16.87 -7.18 14.91
CA VAL B 213 17.69 -7.30 13.70
C VAL B 213 18.69 -8.42 13.95
N VAL B 214 18.63 -9.46 13.13
CA VAL B 214 19.50 -10.62 13.29
C VAL B 214 19.99 -11.03 11.90
N ASN B 215 21.31 -11.09 11.72
CA ASN B 215 21.89 -11.44 10.43
C ASN B 215 23.05 -12.39 10.57
N GLY B 216 23.31 -13.14 9.50
CA GLY B 216 24.55 -13.90 9.41
C GLY B 216 25.73 -12.99 9.12
N ARG B 217 26.86 -13.27 9.75
CA ARG B 217 28.05 -12.42 9.61
CA ARG B 217 28.04 -12.42 9.60
C ARG B 217 28.53 -12.36 8.16
N ASP B 218 28.34 -13.46 7.43
CA ASP B 218 28.78 -13.54 6.05
C ASP B 218 27.70 -13.17 5.05
N GLU B 219 26.71 -12.41 5.51
CA GLU B 219 25.67 -11.87 4.65
C GLU B 219 26.23 -11.41 3.30
N PRO B 220 25.80 -12.05 2.21
CA PRO B 220 26.34 -11.66 0.89
C PRO B 220 25.56 -10.54 0.23
N PHE B 221 24.39 -10.18 0.78
CA PHE B 221 23.53 -9.19 0.16
C PHE B 221 23.45 -7.88 0.94
N VAL B 222 23.51 -7.97 2.27
CA VAL B 222 23.26 -6.82 3.12
C VAL B 222 24.55 -6.27 3.69
N GLU B 223 24.68 -4.94 3.65
CA GLU B 223 25.81 -4.27 4.30
C GLU B 223 25.50 -4.16 5.79
N LEU B 224 26.12 -5.04 6.58
CA LEU B 224 25.86 -5.07 8.01
C LEU B 224 26.29 -3.79 8.72
N ASP B 225 27.29 -3.11 8.18
CA ASP B 225 27.72 -1.83 8.76
C ASP B 225 26.67 -0.75 8.54
N PHE B 226 25.93 -0.83 7.43
CA PHE B 226 24.82 0.08 7.20
C PHE B 226 23.71 -0.21 8.20
N VAL B 227 23.36 -1.47 8.35
CA VAL B 227 22.29 -1.84 9.24
C VAL B 227 22.56 -1.39 10.68
N SER B 228 23.82 -1.45 11.12
CA SER B 228 24.17 -1.04 12.47
CA SER B 228 24.21 -1.03 12.46
C SER B 228 24.09 0.47 12.68
N LYS B 229 23.84 1.23 11.61
CA LYS B 229 23.71 2.69 11.66
CA LYS B 229 23.71 2.68 11.72
C LYS B 229 22.25 3.13 11.62
N VAL B 230 21.36 2.22 11.25
CA VAL B 230 19.94 2.56 11.11
C VAL B 230 19.30 2.86 12.46
N LYS B 231 18.53 3.93 12.52
CA LYS B 231 17.81 4.29 13.72
C LYS B 231 16.46 3.58 13.76
N PHE B 232 16.21 2.87 14.86
CA PHE B 232 14.93 2.22 15.12
C PHE B 232 14.26 2.89 16.31
N GLY B 233 12.93 2.94 16.30
CA GLY B 233 12.21 3.50 17.43
C GLY B 233 12.45 2.70 18.70
N ASN B 234 12.61 1.39 18.55
CA ASN B 234 12.69 0.48 19.68
C ASN B 234 13.47 -0.76 19.25
N LEU B 235 14.79 -0.64 19.23
CA LEU B 235 15.67 -1.72 18.77
C LEU B 235 15.82 -2.76 19.88
N TRP B 236 15.40 -3.98 19.58
CA TRP B 236 15.42 -5.05 20.56
C TRP B 236 16.83 -5.32 21.07
N GLU B 237 16.99 -5.24 22.38
CA GLU B 237 18.27 -5.45 23.05
C GLU B 237 19.32 -4.39 22.70
N GLY B 238 18.86 -3.32 22.04
CA GLY B 238 19.70 -2.15 21.82
C GLY B 238 20.84 -2.33 20.84
N LYS B 239 20.80 -3.38 20.06
CA LYS B 239 21.85 -3.61 19.10
C LYS B 239 21.33 -4.52 17.95
N THR B 240 22.08 -4.52 16.86
CA THR B 240 21.84 -5.48 15.81
C THR B 240 22.69 -6.71 16.12
N HIS B 241 22.16 -7.89 15.81
CA HIS B 241 22.79 -9.14 16.19
C HIS B 241 23.37 -9.85 14.98
N VAL B 242 24.48 -10.54 15.20
CA VAL B 242 25.20 -11.20 14.13
C VAL B 242 25.55 -12.63 14.54
N ILE B 243 25.23 -13.57 13.65
CA ILE B 243 25.51 -14.99 13.84
C ILE B 243 26.71 -15.36 12.98
N ASP B 244 27.77 -15.83 13.63
CA ASP B 244 29.00 -16.16 12.94
C ASP B 244 28.82 -17.30 11.94
N ASN B 245 29.57 -17.23 10.84
CA ASN B 245 29.67 -18.33 9.87
C ASN B 245 28.33 -18.71 9.25
N ALA B 246 27.43 -17.74 9.15
CA ALA B 246 26.16 -17.92 8.46
C ALA B 246 26.00 -16.79 7.46
N GLY B 247 25.26 -17.04 6.40
CA GLY B 247 25.03 -16.05 5.38
C GLY B 247 23.64 -15.44 5.44
N HIS B 248 22.91 -15.56 4.34
CA HIS B 248 21.63 -14.88 4.17
C HIS B 248 20.47 -15.54 4.91
N ALA B 249 20.63 -16.81 5.28
CA ALA B 249 19.50 -17.58 5.80
C ALA B 249 19.85 -18.30 7.11
N PRO B 250 20.21 -17.54 8.15
CA PRO B 250 20.69 -18.19 9.38
C PRO B 250 19.64 -19.11 10.03
N PHE B 251 18.36 -18.88 9.78
CA PHE B 251 17.30 -19.72 10.35
C PHE B 251 17.37 -21.16 9.86
N ARG B 252 17.99 -21.40 8.69
CA ARG B 252 18.19 -22.77 8.21
C ARG B 252 19.65 -23.21 8.25
N GLU B 253 20.56 -22.25 8.16
CA GLU B 253 22.00 -22.53 8.20
CA GLU B 253 21.98 -22.56 8.18
C GLU B 253 22.45 -22.90 9.61
N ALA B 254 21.87 -22.22 10.59
CA ALA B 254 22.24 -22.38 11.99
C ALA B 254 20.99 -22.32 12.87
N PRO B 255 20.10 -23.31 12.74
CA PRO B 255 18.80 -23.15 13.39
C PRO B 255 18.86 -23.00 14.91
N ALA B 256 19.72 -23.75 15.59
CA ALA B 256 19.74 -23.63 17.05
C ALA B 256 20.14 -22.22 17.49
N GLU B 257 21.13 -21.65 16.83
N GLU B 257 21.15 -21.67 16.84
CA GLU B 257 21.60 -20.32 17.21
CA GLU B 257 21.62 -20.32 17.16
C GLU B 257 20.61 -19.23 16.82
C GLU B 257 20.54 -19.30 16.86
N PHE B 258 20.01 -19.36 15.65
CA PHE B 258 18.97 -18.44 15.23
C PHE B 258 17.75 -18.55 16.15
N ASP B 259 17.35 -19.78 16.45
CA ASP B 259 16.17 -20.01 17.28
C ASP B 259 16.32 -19.43 18.67
N ALA B 260 17.54 -19.40 19.20
CA ALA B 260 17.77 -18.76 20.49
C ALA B 260 17.32 -17.29 20.44
N TYR B 261 17.70 -16.60 19.38
CA TYR B 261 17.25 -15.21 19.22
C TYR B 261 15.75 -15.12 19.03
N LEU B 262 15.21 -15.92 18.11
CA LEU B 262 13.79 -15.83 17.81
C LEU B 262 12.93 -16.16 19.03
N ALA B 263 13.29 -17.23 19.76
CA ALA B 263 12.55 -17.60 20.95
C ALA B 263 12.59 -16.50 22.02
N ARG B 264 13.77 -15.93 22.22
CA ARG B 264 13.91 -14.88 23.23
C ARG B 264 13.07 -13.66 22.82
N PHE B 265 13.09 -13.32 21.54
CA PHE B 265 12.33 -12.20 21.04
C PHE B 265 10.83 -12.43 21.23
N ILE B 266 10.36 -13.62 20.86
CA ILE B 266 8.93 -13.92 21.04
C ILE B 266 8.55 -13.83 22.53
N ARG B 267 9.36 -14.44 23.39
CA ARG B 267 9.10 -14.37 24.82
C ARG B 267 9.03 -12.91 25.27
N ASP B 268 10.00 -12.11 24.85
CA ASP B 268 10.04 -10.71 25.27
C ASP B 268 8.81 -9.94 24.78
N CYS B 269 8.34 -10.25 23.58
CA CYS B 269 7.23 -9.49 22.98
C CYS B 269 5.86 -9.93 23.46
N THR B 270 5.80 -11.11 24.07
CA THR B 270 4.51 -11.68 24.43
C THR B 270 4.33 -11.98 25.91
N GLN B 271 5.44 -12.05 26.65
CA GLN B 271 5.38 -12.51 28.05
C GLN B 271 6.21 -11.66 28.99
N LEU B 272 6.59 -10.50 28.62
CA LEU B 272 7.22 -9.59 29.56
C LEU B 272 6.29 -8.43 29.81
N GLU B 273 6.34 -7.88 31.01
CA GLU B 273 5.53 -6.76 31.37
C GLU B 273 5.95 -5.59 30.48
N HIS B 274 4.95 -4.82 30.05
CA HIS B 274 5.23 -3.63 29.26
CA HIS B 274 5.26 -3.63 29.27
C HIS B 274 4.83 -2.35 29.97
N HIS B 275 5.74 -1.38 29.97
CA HIS B 275 5.49 -0.06 30.52
C HIS B 275 5.95 0.96 29.48
N HIS B 276 5.13 1.99 29.26
N HIS B 276 5.14 2.00 29.26
CA HIS B 276 5.50 3.06 28.32
CA HIS B 276 5.52 3.06 28.34
C HIS B 276 6.76 3.78 28.80
C HIS B 276 6.79 3.77 28.81
O1 C4L C . -12.56 16.95 0.84
C4 C4L C . -11.64 16.16 1.19
O2 C4L C . -11.55 15.00 0.78
C3 C4L C . -10.62 16.64 2.19
C2 C4L C . -10.46 18.17 2.16
C1 C4L C . -9.83 18.72 3.42
O3 C4L C . -10.76 18.63 4.52
N1 C4L C . -9.29 16.05 1.96
C5 C4L C . -8.79 15.08 2.74
O4 C4L C . -9.38 14.63 3.71
C6 C4L C . -7.42 14.56 2.37
C7 C4L C . -6.55 14.52 3.63
C8 C4L C . -6.29 15.90 4.22
O1 C4L D . 16.41 -12.76 -0.37
C4 C4L D . 15.74 -11.75 -0.71
O2 C4L D . 14.53 -11.61 -0.42
C3 C4L D . 16.38 -10.63 -1.49
C2 C4L D . 17.88 -10.55 -1.23
C1 C4L D . 18.60 -9.83 -2.37
O3 C4L D . 18.70 -10.67 -3.52
N1 C4L D . 15.80 -9.33 -1.16
C5 C4L D . 15.03 -8.65 -2.01
O4 C4L D . 14.75 -9.05 -3.14
C6 C4L D . 14.49 -7.30 -1.54
C7 C4L D . 14.61 -6.29 -2.65
C8 C4L D . 16.07 -5.97 -2.91
#